data_4AGP
#
_entry.id   4AGP
#
_cell.length_a   65.080
_cell.length_b   71.170
_cell.length_c   104.980
_cell.angle_alpha   90.00
_cell.angle_beta   90.00
_cell.angle_gamma   90.00
#
_symmetry.space_group_name_H-M   'P 21 21 21'
#
loop_
_entity.id
_entity.type
_entity.pdbx_description
1 polymer 'CELLULAR TUMOR ANTIGEN P53'
2 non-polymer 2-{[4-(diethylamino)piperidin-1-yl]methyl}-6-iodo-4-(3-phenoxyprop-1-yn-1-yl)phenol
3 non-polymer 'ZINC ION'
4 water water
#
_entity_poly.entity_id   1
_entity_poly.type   'polypeptide(L)'
_entity_poly.pdbx_seq_one_letter_code
;SSSVPSQKTYQGSYGFRLGFLHSGTAKSVTCTYSPALNKLFCQLAKTCPVQLWVDSTPPPGTRVRAMAIYKQSQHMTEVV
RRCPHHERCSDSDGLAPPQHLIRVEGNLRAEYLDDRNTFRHSVVVPCEPPEVGSDCTTIHYNYMCYSSCMGGMNRRPILT
IITLEDSSGNLLGRDSFEVRVCACPGRDRRTEEENLRKKGEPHHELPPGSTKRALPNNT
;
_entity_poly.pdbx_strand_id   A,B
#
loop_
_chem_comp.id
_chem_comp.type
_chem_comp.name
_chem_comp.formula
P51 non-polymer 2-{[4-(diethylamino)piperidin-1-yl]methyl}-6-iodo-4-(3-phenoxyprop-1-yn-1-yl)phenol 'C25 H31 I N2 O2'
ZN non-polymer 'ZINC ION' 'Zn 2'
#
# COMPACT_ATOMS: atom_id res chain seq x y z
N SER A 3 -13.73 -2.55 -2.02
CA SER A 3 -12.56 -1.68 -2.20
C SER A 3 -11.64 -1.75 -1.00
N VAL A 4 -10.39 -1.32 -1.18
CA VAL A 4 -9.40 -1.34 -0.11
C VAL A 4 -9.08 0.10 0.34
N PRO A 5 -9.31 0.40 1.63
CA PRO A 5 -8.94 1.71 2.18
C PRO A 5 -7.45 1.98 2.03
N SER A 6 -7.08 3.23 1.78
CA SER A 6 -5.66 3.59 1.69
C SER A 6 -4.94 3.37 3.02
N GLN A 7 -3.67 2.99 2.93
CA GLN A 7 -2.83 2.84 4.11
C GLN A 7 -1.63 3.78 4.02
N LYS A 8 -1.70 4.77 3.14
CA LYS A 8 -0.57 5.67 2.96
C LYS A 8 -0.40 6.60 4.16
N THR A 9 0.81 6.62 4.70
CA THR A 9 1.13 7.53 5.79
C THR A 9 0.99 8.98 5.31
N TYR A 10 0.26 9.77 6.10
CA TYR A 10 -0.06 11.14 5.75
C TYR A 10 -0.14 11.97 7.02
N GLN A 11 0.85 12.81 7.27
CA GLN A 11 0.82 13.63 8.49
C GLN A 11 -0.20 14.75 8.42
N GLY A 12 -0.40 15.30 7.23
CA GLY A 12 -1.40 16.34 7.04
C GLY A 12 -1.01 17.65 7.69
N SER A 13 -1.97 18.57 7.73
CA SER A 13 -1.71 19.94 8.20
CA SER A 13 -1.67 19.93 8.19
C SER A 13 -1.33 20.00 9.67
N TYR A 14 -1.75 19.00 10.43
CA TYR A 14 -1.54 19.02 11.88
C TYR A 14 -0.36 18.19 12.35
N GLY A 15 0.35 17.57 11.41
CA GLY A 15 1.52 16.78 11.75
C GLY A 15 1.15 15.57 12.60
N PHE A 16 0.11 14.87 12.16
CA PHE A 16 -0.43 13.73 12.91
C PHE A 16 0.44 12.47 12.75
N ARG A 17 0.73 11.82 13.86
CA ARG A 17 1.39 10.52 13.84
C ARG A 17 1.15 9.76 15.13
N LEU A 18 1.31 8.44 15.08
CA LEU A 18 1.15 7.61 16.27
C LEU A 18 2.44 7.51 17.08
N GLY A 19 2.30 7.03 18.33
CA GLY A 19 3.44 6.66 19.13
C GLY A 19 3.12 5.43 19.95
N PHE A 20 4.14 4.69 20.31
CA PHE A 20 3.96 3.49 21.12
C PHE A 20 4.92 3.46 22.30
N LEU A 21 4.48 2.83 23.38
CA LEU A 21 5.32 2.68 24.55
C LEU A 21 6.45 1.69 24.27
N HIS A 22 7.41 1.63 25.20
CA HIS A 22 8.51 0.68 25.10
C HIS A 22 8.34 -0.37 26.20
N SER A 23 7.64 -1.43 25.87
CA SER A 23 7.15 -2.37 26.86
C SER A 23 8.04 -3.58 27.02
N GLY A 24 9.00 -3.75 26.11
CA GLY A 24 9.94 -4.85 26.21
C GLY A 24 9.38 -6.17 25.71
N THR A 25 10.14 -7.24 25.86
CA THR A 25 9.77 -8.53 25.27
C THR A 25 9.76 -9.70 26.26
N ALA A 26 9.58 -9.39 27.55
CA ALA A 26 9.48 -10.45 28.55
C ALA A 26 8.33 -11.38 28.23
N LYS A 27 8.45 -12.65 28.60
CA LYS A 27 7.41 -13.63 28.32
C LYS A 27 6.05 -13.22 28.89
N SER A 28 6.07 -12.43 29.95
CA SER A 28 4.83 -12.01 30.62
C SER A 28 4.13 -10.81 29.99
N VAL A 29 4.80 -10.11 29.08
CA VAL A 29 4.25 -8.88 28.53
C VAL A 29 2.97 -9.16 27.72
N THR A 30 2.00 -8.25 27.81
CA THR A 30 0.69 -8.47 27.20
C THR A 30 0.46 -7.64 25.93
N CYS A 31 1.31 -6.64 25.72
CA CYS A 31 1.24 -5.75 24.57
C CYS A 31 2.64 -5.19 24.36
N THR A 32 3.16 -5.28 23.15
CA THR A 32 4.48 -4.74 22.89
C THR A 32 4.62 -4.37 21.41
N TYR A 33 5.27 -3.25 21.15
CA TYR A 33 5.39 -2.74 19.80
C TYR A 33 6.81 -2.86 19.27
N SER A 34 6.94 -3.33 18.05
CA SER A 34 8.23 -3.40 17.37
C SER A 34 8.40 -2.28 16.34
N PRO A 35 9.27 -1.31 16.62
CA PRO A 35 9.55 -0.28 15.61
C PRO A 35 10.18 -0.87 14.36
N ALA A 36 11.04 -1.87 14.51
CA ALA A 36 11.72 -2.41 13.34
C ALA A 36 10.75 -3.05 12.36
N LEU A 37 9.68 -3.64 12.88
CA LEU A 37 8.67 -4.31 12.07
C LEU A 37 7.44 -3.46 11.83
N ASN A 38 7.37 -2.28 12.46
CA ASN A 38 6.14 -1.50 12.57
C ASN A 38 4.95 -2.41 12.88
N LYS A 39 5.06 -3.16 13.97
CA LYS A 39 4.11 -4.21 14.29
C LYS A 39 3.84 -4.29 15.79
N LEU A 40 2.57 -4.26 16.14
CA LEU A 40 2.13 -4.41 17.53
C LEU A 40 1.82 -5.88 17.77
N PHE A 41 2.33 -6.42 18.88
CA PHE A 41 2.00 -7.78 19.28
C PHE A 41 1.22 -7.71 20.58
N CYS A 42 0.06 -8.36 20.64
CA CYS A 42 -0.77 -8.27 21.84
C CYS A 42 -1.56 -9.54 22.12
N GLN A 43 -1.92 -9.70 23.39
CA GLN A 43 -2.80 -10.79 23.81
C GLN A 43 -4.25 -10.46 23.52
N LEU A 44 -5.08 -11.49 23.45
CA LEU A 44 -6.49 -11.35 23.14
C LEU A 44 -7.19 -10.45 24.15
N ALA A 45 -7.84 -9.41 23.67
CA ALA A 45 -8.70 -8.54 24.48
C ALA A 45 -7.98 -7.70 25.54
N LYS A 46 -6.66 -7.68 25.49
CA LYS A 46 -5.89 -6.90 26.45
C LYS A 46 -5.70 -5.45 25.99
N THR A 47 -5.50 -4.57 26.96
CA THR A 47 -5.32 -3.15 26.68
C THR A 47 -4.11 -2.85 25.82
N CYS A 48 -4.31 -2.13 24.71
CA CYS A 48 -3.21 -1.71 23.85
C CYS A 48 -3.16 -0.19 23.78
N PRO A 49 -2.21 0.43 24.50
CA PRO A 49 -2.12 1.89 24.45
C PRO A 49 -1.51 2.37 23.15
N VAL A 50 -2.20 3.28 22.49
CA VAL A 50 -1.68 3.88 21.27
C VAL A 50 -1.72 5.40 21.43
N GLN A 51 -0.56 6.04 21.25
CA GLN A 51 -0.46 7.48 21.41
C GLN A 51 -0.80 8.23 20.13
N LEU A 52 -1.42 9.39 20.30
CA LEU A 52 -1.66 10.32 19.18
C LEU A 52 -0.81 11.56 19.40
N TRP A 53 0.00 11.93 18.42
CA TRP A 53 0.87 13.10 18.48
C TRP A 53 0.53 14.05 17.34
N VAL A 54 0.52 15.34 17.62
CA VAL A 54 0.34 16.36 16.58
C VAL A 54 1.31 17.51 16.80
N ASP A 55 1.59 18.23 15.73
CA ASP A 55 2.40 19.45 15.82
C ASP A 55 1.55 20.66 16.15
N SER A 56 0.28 20.63 15.75
CA SER A 56 -0.64 21.71 16.05
C SER A 56 -2.05 21.18 16.35
N THR A 57 -2.81 21.95 17.12
CA THR A 57 -4.12 21.53 17.59
C THR A 57 -5.14 21.46 16.46
N PRO A 58 -5.75 20.29 16.27
CA PRO A 58 -6.82 20.18 15.26
C PRO A 58 -8.10 20.80 15.80
N PRO A 59 -9.05 21.11 14.91
CA PRO A 59 -10.30 21.74 15.35
C PRO A 59 -11.14 20.88 16.27
N PRO A 60 -11.92 21.51 17.17
CA PRO A 60 -12.91 20.75 17.93
C PRO A 60 -13.79 20.01 16.95
N GLY A 61 -14.11 18.75 17.24
CA GLY A 61 -14.94 17.96 16.35
C GLY A 61 -14.13 17.01 15.49
N THR A 62 -12.81 17.18 15.48
CA THR A 62 -11.91 16.21 14.86
C THR A 62 -12.11 14.86 15.54
N ARG A 63 -11.99 13.77 14.78
CA ARG A 63 -12.16 12.44 15.33
C ARG A 63 -11.03 11.52 14.88
N VAL A 64 -10.93 10.37 15.55
CA VAL A 64 -9.86 9.41 15.30
C VAL A 64 -10.51 8.05 15.07
N ARG A 65 -10.31 7.51 13.87
CA ARG A 65 -10.93 6.23 13.48
C ARG A 65 -9.89 5.12 13.36
N ALA A 66 -10.25 3.91 13.80
CA ALA A 66 -9.42 2.72 13.62
C ALA A 66 -10.16 1.67 12.79
N MET A 67 -9.45 1.06 11.85
CA MET A 67 -10.00 0.04 10.97
C MET A 67 -8.93 -1.01 10.71
N ALA A 68 -9.31 -2.28 10.61
CA ALA A 68 -8.37 -3.32 10.22
C ALA A 68 -8.56 -3.74 8.77
N ILE A 69 -7.45 -4.01 8.09
CA ILE A 69 -7.47 -4.67 6.77
C ILE A 69 -6.43 -5.77 6.73
N TYR A 70 -6.61 -6.75 5.84
CA TYR A 70 -5.58 -7.76 5.63
C TYR A 70 -4.38 -7.16 4.90
N LYS A 71 -3.19 -7.54 5.33
CA LYS A 71 -1.96 -6.98 4.79
C LYS A 71 -1.62 -7.51 3.41
N GLN A 72 -1.81 -8.81 3.22
CA GLN A 72 -1.43 -9.46 1.96
C GLN A 72 -2.34 -9.06 0.82
N SER A 73 -1.74 -8.78 -0.34
CA SER A 73 -2.47 -8.38 -1.54
C SER A 73 -3.67 -9.28 -1.84
N GLN A 74 -3.46 -10.59 -1.73
CA GLN A 74 -4.50 -11.53 -2.11
C GLN A 74 -5.65 -11.60 -1.12
N HIS A 75 -5.51 -10.92 0.01
CA HIS A 75 -6.59 -10.92 1.00
C HIS A 75 -7.15 -9.54 1.33
N MET A 76 -6.52 -8.49 0.81
CA MET A 76 -6.90 -7.13 1.18
C MET A 76 -8.37 -6.79 0.98
N THR A 77 -9.02 -7.42 0.00
CA THR A 77 -10.41 -7.10 -0.30
C THR A 77 -11.41 -7.77 0.63
N GLU A 78 -10.94 -8.66 1.50
CA GLU A 78 -11.85 -9.34 2.41
C GLU A 78 -12.01 -8.57 3.73
N VAL A 79 -13.25 -8.37 4.15
CA VAL A 79 -13.52 -7.67 5.42
C VAL A 79 -12.92 -8.42 6.60
N VAL A 80 -12.17 -7.71 7.45
CA VAL A 80 -11.65 -8.28 8.68
C VAL A 80 -12.74 -8.26 9.74
N ARG A 81 -13.07 -9.43 10.28
CA ARG A 81 -14.12 -9.54 11.29
C ARG A 81 -13.75 -10.61 12.30
N ARG A 82 -14.47 -10.65 13.41
CA ARG A 82 -14.28 -11.71 14.39
C ARG A 82 -14.77 -13.03 13.83
N CYS A 83 -14.17 -14.11 14.32
CA CYS A 83 -14.43 -15.46 13.86
C CYS A 83 -15.80 -15.96 14.35
N PRO A 84 -16.26 -17.12 13.84
CA PRO A 84 -17.61 -17.55 14.18
C PRO A 84 -17.79 -17.91 15.65
N HIS A 85 -16.69 -18.23 16.34
CA HIS A 85 -16.74 -18.44 17.77
C HIS A 85 -16.82 -17.13 18.54
N HIS A 86 -15.86 -16.24 18.30
CA HIS A 86 -15.79 -15.03 19.12
C HIS A 86 -16.94 -14.05 18.92
N GLU A 87 -17.52 -14.00 17.72
CA GLU A 87 -18.65 -13.12 17.50
C GLU A 87 -19.87 -13.55 18.33
N ARG A 88 -19.84 -14.78 18.84
CA ARG A 88 -20.95 -15.32 19.66
C ARG A 88 -20.63 -15.53 21.14
N CYS A 89 -19.52 -15.00 21.64
N CYS A 89 -19.52 -14.94 21.60
CA CYS A 89 -19.18 -15.31 23.03
CA CYS A 89 -19.06 -15.17 22.98
C CYS A 89 -19.72 -14.31 24.05
C CYS A 89 -19.78 -14.36 24.04
N SER A 90 -20.56 -13.38 23.61
CA SER A 90 -21.32 -12.54 24.54
C SER A 90 -20.43 -11.74 25.47
N ASP A 91 -19.24 -11.39 24.99
CA ASP A 91 -18.30 -10.60 25.76
C ASP A 91 -18.49 -9.12 25.46
N SER A 92 -19.73 -8.75 25.17
CA SER A 92 -20.09 -7.38 24.85
C SER A 92 -19.74 -6.40 25.97
N ASP A 93 -19.36 -5.18 25.58
CA ASP A 93 -19.10 -4.13 26.55
C ASP A 93 -20.27 -3.14 26.58
N GLY A 94 -21.32 -3.46 25.85
CA GLY A 94 -22.51 -2.62 25.79
C GLY A 94 -22.55 -1.66 24.62
N LEU A 95 -21.43 -1.51 23.92
CA LEU A 95 -21.31 -0.53 22.86
C LEU A 95 -20.83 -1.17 21.55
N ALA A 96 -19.78 -1.97 21.64
CA ALA A 96 -19.21 -2.62 20.47
C ALA A 96 -20.09 -3.75 19.93
N PRO A 97 -20.39 -3.71 18.63
CA PRO A 97 -21.06 -4.87 18.02
C PRO A 97 -20.16 -6.09 18.22
N PRO A 98 -20.76 -7.27 18.46
CA PRO A 98 -19.97 -8.46 18.74
C PRO A 98 -19.09 -8.93 17.56
N GLN A 99 -19.37 -8.44 16.35
CA GLN A 99 -18.62 -8.80 15.15
C GLN A 99 -17.29 -8.05 15.02
N HIS A 100 -17.17 -6.91 15.70
CA HIS A 100 -16.02 -6.03 15.47
C HIS A 100 -14.74 -6.51 16.14
N LEU A 101 -13.67 -6.60 15.36
CA LEU A 101 -12.38 -6.99 15.89
C LEU A 101 -11.81 -5.93 16.82
N ILE A 102 -11.88 -4.66 16.41
CA ILE A 102 -11.26 -3.58 17.18
C ILE A 102 -12.27 -2.83 18.04
N ARG A 103 -11.99 -2.76 19.33
CA ARG A 103 -12.75 -1.92 20.26
C ARG A 103 -11.88 -0.80 20.81
N VAL A 104 -12.52 0.30 21.17
CA VAL A 104 -11.90 1.26 22.07
C VAL A 104 -12.39 0.98 23.50
N GLU A 105 -11.46 0.87 24.42
CA GLU A 105 -11.74 0.55 25.80
C GLU A 105 -11.93 1.82 26.63
N GLY A 106 -12.99 1.85 27.44
CA GLY A 106 -13.16 2.94 28.40
C GLY A 106 -13.37 4.32 27.81
N ASN A 107 -14.08 4.40 26.69
CA ASN A 107 -14.47 5.69 26.13
C ASN A 107 -15.96 5.65 25.77
N LEU A 108 -16.78 6.32 26.58
CA LEU A 108 -18.22 6.30 26.39
C LEU A 108 -18.67 7.00 25.10
N ARG A 109 -17.77 7.77 24.49
CA ARG A 109 -18.09 8.46 23.25
C ARG A 109 -17.65 7.68 22.00
N ALA A 110 -17.19 6.45 22.18
CA ALA A 110 -16.84 5.61 21.04
C ALA A 110 -18.07 5.28 20.20
N GLU A 111 -17.91 5.34 18.89
CA GLU A 111 -18.95 4.94 17.96
C GLU A 111 -18.42 3.86 17.03
N TYR A 112 -19.29 2.90 16.70
CA TYR A 112 -18.90 1.77 15.87
C TYR A 112 -19.68 1.82 14.56
N LEU A 113 -18.96 1.70 13.45
CA LEU A 113 -19.57 1.83 12.14
C LEU A 113 -19.49 0.51 11.37
N ASP A 114 -20.62 0.13 10.77
CA ASP A 114 -20.65 -0.90 9.74
C ASP A 114 -20.87 -0.15 8.42
N ASP A 115 -19.85 -0.08 7.56
CA ASP A 115 -19.96 0.72 6.35
C ASP A 115 -21.01 0.14 5.39
N ARG A 116 -21.91 0.99 4.93
CA ARG A 116 -23.04 0.55 4.12
C ARG A 116 -22.62 0.10 2.72
N ASN A 117 -21.44 0.51 2.29
CA ASN A 117 -20.99 0.19 0.94
C ASN A 117 -19.88 -0.86 0.89
N THR A 118 -18.92 -0.76 1.80
CA THR A 118 -17.77 -1.65 1.82
C THR A 118 -17.95 -2.77 2.84
N PHE A 119 -18.90 -2.58 3.74
CA PHE A 119 -19.19 -3.55 4.81
C PHE A 119 -18.09 -3.67 5.85
N ARG A 120 -17.11 -2.79 5.78
CA ARG A 120 -16.01 -2.83 6.73
C ARG A 120 -16.39 -2.20 8.07
N HIS A 121 -15.75 -2.67 9.13
CA HIS A 121 -16.03 -2.21 10.48
C HIS A 121 -14.99 -1.18 10.88
N SER A 122 -15.41 -0.21 11.70
CA SER A 122 -14.46 0.73 12.29
C SER A 122 -14.97 1.27 13.61
N VAL A 123 -14.06 1.82 14.41
CA VAL A 123 -14.43 2.43 15.68
C VAL A 123 -13.81 3.83 15.72
N VAL A 124 -14.60 4.80 16.12
CA VAL A 124 -14.18 6.20 16.05
C VAL A 124 -14.49 6.92 17.36
N VAL A 125 -13.56 7.77 17.79
CA VAL A 125 -13.74 8.56 19.01
C VAL A 125 -13.38 10.01 18.73
N PRO A 126 -13.87 10.94 19.56
CA PRO A 126 -13.41 12.32 19.42
C PRO A 126 -11.90 12.44 19.69
N CYS A 127 -11.24 13.32 18.96
CA CYS A 127 -9.84 13.64 19.22
C CYS A 127 -9.82 14.67 20.33
N GLU A 128 -9.16 14.36 21.44
CA GLU A 128 -9.15 15.26 22.59
C GLU A 128 -7.73 15.70 22.91
N PRO A 129 -7.57 16.89 23.46
CA PRO A 129 -6.23 17.33 23.91
C PRO A 129 -5.73 16.45 25.07
N PRO A 130 -4.41 16.41 25.27
CA PRO A 130 -3.82 15.60 26.33
C PRO A 130 -4.29 15.98 27.73
N GLU A 131 -4.23 15.03 28.66
CA GLU A 131 -4.44 15.34 30.06
C GLU A 131 -3.42 16.37 30.50
N VAL A 132 -3.78 17.18 31.49
CA VAL A 132 -2.87 18.19 31.99
C VAL A 132 -1.56 17.56 32.45
N GLY A 133 -0.45 18.07 31.94
CA GLY A 133 0.85 17.50 32.25
C GLY A 133 1.41 16.60 31.17
N SER A 134 0.55 16.16 30.25
CA SER A 134 0.97 15.25 29.18
C SER A 134 1.15 15.95 27.85
N ASP A 135 1.94 15.34 26.97
CA ASP A 135 2.29 15.90 25.67
C ASP A 135 1.57 15.22 24.50
N CYS A 136 0.86 14.14 24.80
CA CYS A 136 0.14 13.40 23.77
C CYS A 136 -1.11 12.78 24.38
N THR A 137 -2.02 12.30 23.53
CA THR A 137 -3.23 11.66 23.96
C THR A 137 -3.12 10.18 23.70
N THR A 138 -3.65 9.37 24.61
CA THR A 138 -3.55 7.93 24.47
C THR A 138 -4.95 7.32 24.29
N ILE A 139 -5.11 6.48 23.28
CA ILE A 139 -6.32 5.68 23.12
C ILE A 139 -6.00 4.24 23.48
N HIS A 140 -6.91 3.58 24.18
CA HIS A 140 -6.73 2.18 24.54
C HIS A 140 -7.58 1.31 23.63
N TYR A 141 -6.92 0.51 22.82
CA TYR A 141 -7.60 -0.41 21.92
C TYR A 141 -7.59 -1.85 22.45
N ASN A 142 -8.58 -2.64 22.05
CA ASN A 142 -8.60 -4.08 22.30
C ASN A 142 -8.78 -4.79 20.96
N TYR A 143 -8.10 -5.91 20.79
CA TYR A 143 -8.29 -6.79 19.62
C TYR A 143 -8.93 -8.08 20.08
N MET A 144 -10.07 -8.41 19.48
CA MET A 144 -10.99 -9.36 20.09
C MET A 144 -11.00 -10.77 19.46
N CYS A 145 -10.01 -11.04 18.62
CA CYS A 145 -9.73 -12.38 18.08
C CYS A 145 -8.23 -12.57 18.00
N TYR A 146 -7.80 -13.83 18.04
CA TYR A 146 -6.41 -14.16 17.75
C TYR A 146 -6.16 -14.11 16.25
N SER A 147 -4.94 -13.77 15.86
CA SER A 147 -4.59 -13.84 14.45
C SER A 147 -4.87 -15.23 13.89
N SER A 148 -4.81 -16.25 14.74
CA SER A 148 -4.95 -17.63 14.31
C SER A 148 -6.38 -18.15 14.24
N CYS A 149 -7.36 -17.34 14.65
CA CYS A 149 -8.74 -17.81 14.75
C CYS A 149 -9.25 -18.39 13.44
N MET A 150 -9.62 -19.67 13.49
CA MET A 150 -10.23 -20.34 12.35
C MET A 150 -11.56 -19.71 11.96
N GLY A 151 -11.75 -19.50 10.67
CA GLY A 151 -12.96 -18.87 10.17
C GLY A 151 -12.95 -17.36 10.35
N GLY A 152 -11.86 -16.85 10.92
CA GLY A 152 -11.66 -15.42 11.05
C GLY A 152 -10.38 -15.02 10.35
N MET A 153 -9.48 -14.39 11.07
CA MET A 153 -8.22 -13.99 10.46
C MET A 153 -7.42 -15.20 9.93
N ASN A 154 -7.61 -16.37 10.54
CA ASN A 154 -7.02 -17.61 10.05
C ASN A 154 -5.53 -17.52 9.68
N ARG A 155 -4.76 -16.89 10.55
CA ARG A 155 -3.30 -16.78 10.43
C ARG A 155 -2.81 -15.71 9.46
N ARG A 156 -3.73 -14.97 8.88
CA ARG A 156 -3.38 -13.91 7.94
C ARG A 156 -3.08 -12.63 8.69
N PRO A 157 -1.94 -11.99 8.38
CA PRO A 157 -1.57 -10.74 9.05
C PRO A 157 -2.51 -9.60 8.69
N ILE A 158 -2.76 -8.73 9.66
CA ILE A 158 -3.57 -7.53 9.44
C ILE A 158 -2.80 -6.25 9.73
N LEU A 159 -3.34 -5.17 9.20
CA LEU A 159 -2.88 -3.83 9.49
CA LEU A 159 -2.88 -3.83 9.48
C LEU A 159 -4.02 -3.08 10.18
N THR A 160 -3.67 -2.26 11.16
CA THR A 160 -4.63 -1.29 11.68
C THR A 160 -4.31 0.05 11.03
N ILE A 161 -5.32 0.70 10.47
CA ILE A 161 -5.18 2.02 9.89
C ILE A 161 -5.87 2.99 10.83
N ILE A 162 -5.12 4.01 11.28
CA ILE A 162 -5.69 5.05 12.12
C ILE A 162 -5.79 6.32 11.30
N THR A 163 -6.99 6.86 11.22
CA THR A 163 -7.22 8.10 10.46
C THR A 163 -7.71 9.21 11.36
N LEU A 164 -7.12 10.38 11.17
CA LEU A 164 -7.60 11.62 11.78
C LEU A 164 -8.58 12.22 10.79
N GLU A 165 -9.79 12.52 11.25
CA GLU A 165 -10.86 12.97 10.37
C GLU A 165 -11.47 14.26 10.88
N ASP A 166 -12.01 15.06 9.97
CA ASP A 166 -12.82 16.19 10.43
C ASP A 166 -14.24 15.74 10.79
N SER A 167 -15.09 16.69 11.17
CA SER A 167 -16.42 16.31 11.67
C SER A 167 -17.31 15.69 10.59
N SER A 168 -16.97 15.91 9.32
CA SER A 168 -17.69 15.30 8.18
C SER A 168 -17.14 13.94 7.81
N GLY A 169 -16.01 13.56 8.40
CA GLY A 169 -15.33 12.34 8.02
C GLY A 169 -14.26 12.49 6.96
N ASN A 170 -13.94 13.72 6.57
CA ASN A 170 -12.87 13.95 5.59
C ASN A 170 -11.51 13.70 6.19
N LEU A 171 -10.57 13.25 5.35
CA LEU A 171 -9.24 12.89 5.79
C LEU A 171 -8.39 14.08 6.23
N LEU A 172 -7.83 13.99 7.43
CA LEU A 172 -6.85 14.99 7.90
C LEU A 172 -5.47 14.41 8.09
N GLY A 173 -5.40 13.10 8.34
CA GLY A 173 -4.12 12.47 8.60
C GLY A 173 -4.30 10.96 8.65
N ARG A 174 -3.21 10.23 8.48
CA ARG A 174 -3.28 8.77 8.47
C ARG A 174 -1.96 8.14 8.91
N ASP A 175 -2.06 7.07 9.68
CA ASP A 175 -0.90 6.28 10.07
C ASP A 175 -1.37 4.82 10.17
N SER A 176 -0.43 3.89 10.32
CA SER A 176 -0.82 2.48 10.32
C SER A 176 0.28 1.62 10.93
N PHE A 177 -0.12 0.42 11.35
CA PHE A 177 0.81 -0.55 11.92
C PHE A 177 0.24 -1.95 11.76
N GLU A 178 1.12 -2.93 11.61
CA GLU A 178 0.69 -4.32 11.55
C GLU A 178 0.34 -4.79 12.96
N VAL A 179 -0.55 -5.78 13.07
CA VAL A 179 -0.91 -6.35 14.36
C VAL A 179 -0.88 -7.88 14.31
N ARG A 180 -0.30 -8.47 15.35
CA ARG A 180 -0.46 -9.90 15.59
C ARG A 180 -1.06 -10.06 16.98
N VAL A 181 -2.21 -10.72 17.04
CA VAL A 181 -2.84 -11.02 18.32
C VAL A 181 -2.49 -12.47 18.63
N CYS A 182 -1.80 -12.68 19.75
CA CYS A 182 -1.19 -13.99 20.02
C CYS A 182 -1.06 -14.23 21.51
N ALA A 183 -0.72 -15.47 21.87
CA ALA A 183 -0.64 -15.83 23.29
C ALA A 183 0.59 -15.26 23.99
N CYS A 184 1.71 -15.17 23.26
CA CYS A 184 2.98 -14.73 23.84
C CYS A 184 3.62 -13.64 23.00
N PRO A 185 3.12 -12.41 23.12
CA PRO A 185 3.63 -11.28 22.32
C PRO A 185 5.13 -11.05 22.48
N GLY A 186 5.65 -11.23 23.69
CA GLY A 186 7.08 -11.03 23.93
C GLY A 186 7.94 -11.97 23.11
N ARG A 187 7.61 -13.27 23.15
CA ARG A 187 8.36 -14.26 22.39
C ARG A 187 8.22 -14.05 20.88
N ASP A 188 7.01 -13.77 20.43
CA ASP A 188 6.77 -13.62 19.01
C ASP A 188 7.47 -12.38 18.45
N ARG A 189 7.47 -11.29 19.20
CA ARG A 189 8.21 -10.11 18.78
C ARG A 189 9.71 -10.42 18.69
N ARG A 190 10.26 -11.14 19.66
CA ARG A 190 11.67 -11.48 19.63
C ARG A 190 11.98 -12.34 18.41
N THR A 191 11.12 -13.33 18.15
CA THR A 191 11.31 -14.22 17.01
C THR A 191 11.29 -13.45 15.70
N GLU A 192 10.24 -12.66 15.48
CA GLU A 192 10.09 -11.95 14.22
C GLU A 192 11.20 -10.92 14.00
N GLU A 193 11.67 -10.29 15.07
CA GLU A 193 12.77 -9.34 14.96
C GLU A 193 14.06 -10.07 14.59
N GLU A 194 14.24 -11.27 15.10
CA GLU A 194 15.40 -12.07 14.76
C GLU A 194 15.33 -12.57 13.31
N ASN A 195 14.14 -12.95 12.87
CA ASN A 195 13.95 -13.36 11.48
C ASN A 195 14.30 -12.21 10.54
N LEU A 196 13.93 -11.00 10.93
CA LEU A 196 14.22 -9.82 10.13
C LEU A 196 15.71 -9.54 10.07
N ARG A 197 16.38 -9.66 11.22
CA ARG A 197 17.81 -9.45 11.28
C ARG A 197 18.53 -10.48 10.40
N LYS A 198 18.04 -11.71 10.42
CA LYS A 198 18.59 -12.75 9.56
C LYS A 198 18.29 -12.43 8.10
N SER B 1 -5.66 -8.28 -32.48
CA SER B 1 -4.43 -7.50 -32.50
C SER B 1 -4.70 -6.00 -32.52
N SER B 2 -3.77 -5.23 -31.95
CA SER B 2 -3.93 -3.79 -31.82
C SER B 2 -2.75 -3.03 -32.39
N SER B 3 -2.95 -1.74 -32.64
CA SER B 3 -1.85 -0.86 -33.01
C SER B 3 -0.83 -0.82 -31.88
N VAL B 4 0.41 -0.47 -32.21
CA VAL B 4 1.48 -0.49 -31.22
C VAL B 4 1.89 0.92 -30.86
N PRO B 5 1.76 1.27 -29.57
CA PRO B 5 2.21 2.59 -29.13
C PRO B 5 3.70 2.75 -29.35
N SER B 6 4.11 3.97 -29.67
CA SER B 6 5.53 4.27 -29.80
C SER B 6 6.30 4.03 -28.51
N GLN B 7 7.52 3.52 -28.63
CA GLN B 7 8.41 3.39 -27.48
C GLN B 7 9.64 4.27 -27.64
N LYS B 8 9.59 5.18 -28.61
CA LYS B 8 10.74 6.03 -28.90
C LYS B 8 10.99 7.06 -27.81
N THR B 9 12.22 7.06 -27.28
CA THR B 9 12.56 8.05 -26.26
C THR B 9 12.43 9.47 -26.82
N TYR B 10 11.77 10.33 -26.07
CA TYR B 10 11.51 11.69 -26.50
C TYR B 10 11.44 12.60 -25.28
N GLN B 11 12.48 13.40 -25.07
CA GLN B 11 12.49 14.27 -23.91
C GLN B 11 11.49 15.42 -24.00
N GLY B 12 11.25 15.91 -25.21
CA GLY B 12 10.29 16.98 -25.41
C GLY B 12 10.75 18.31 -24.84
N SER B 13 9.83 19.28 -24.84
CA SER B 13 10.15 20.65 -24.45
C SER B 13 10.61 20.80 -23.01
N TYR B 14 10.19 19.87 -22.14
CA TYR B 14 10.46 19.99 -20.72
C TYR B 14 11.67 19.15 -20.27
N GLY B 15 12.30 18.45 -21.22
CA GLY B 15 13.44 17.61 -20.90
C GLY B 15 13.06 16.48 -19.94
N PHE B 16 11.99 15.78 -20.28
CA PHE B 16 11.48 14.70 -19.45
C PHE B 16 12.30 13.43 -19.60
N ARG B 17 12.64 12.82 -18.47
CA ARG B 17 13.24 11.48 -18.47
C ARG B 17 13.04 10.81 -17.12
N LEU B 18 13.25 9.49 -17.08
CA LEU B 18 13.05 8.73 -15.86
C LEU B 18 14.33 8.61 -15.05
N GLY B 19 14.18 8.20 -13.80
CA GLY B 19 15.33 7.82 -12.99
C GLY B 19 14.94 6.69 -12.06
N PHE B 20 15.93 5.97 -11.53
CA PHE B 20 15.68 4.84 -10.65
C PHE B 20 16.62 4.88 -9.46
N LEU B 21 16.16 4.39 -8.32
CA LEU B 21 17.03 4.23 -7.16
C LEU B 21 18.14 3.23 -7.42
N HIS B 22 19.16 3.25 -6.57
CA HIS B 22 20.26 2.28 -6.65
C HIS B 22 20.13 1.33 -5.47
N SER B 23 19.33 0.29 -5.67
CA SER B 23 18.89 -0.60 -4.59
C SER B 23 19.78 -1.82 -4.40
N GLY B 24 20.68 -2.05 -5.35
CA GLY B 24 21.62 -3.16 -5.22
C GLY B 24 20.98 -4.50 -5.55
N THR B 25 21.73 -5.57 -5.34
CA THR B 25 21.29 -6.89 -5.78
C THR B 25 21.27 -7.95 -4.69
N ALA B 26 21.12 -7.53 -3.43
CA ALA B 26 20.99 -8.48 -2.34
C ALA B 26 19.78 -9.38 -2.57
N LYS B 27 19.83 -10.59 -2.03
CA LYS B 27 18.76 -11.56 -2.24
C LYS B 27 17.42 -11.06 -1.74
N SER B 28 17.45 -10.19 -0.73
CA SER B 28 16.25 -9.68 -0.08
C SER B 28 15.59 -8.53 -0.83
N VAL B 29 16.27 -7.99 -1.84
CA VAL B 29 15.78 -6.78 -2.52
C VAL B 29 14.46 -7.04 -3.26
N THR B 30 13.52 -6.12 -3.13
CA THR B 30 12.17 -6.32 -3.68
C THR B 30 12.01 -5.66 -5.05
N CYS B 31 12.91 -4.72 -5.35
CA CYS B 31 12.88 -4.01 -6.62
C CYS B 31 14.29 -3.49 -6.89
N THR B 32 14.78 -3.68 -8.11
CA THR B 32 16.12 -3.20 -8.43
C THR B 32 16.23 -2.93 -9.93
N TYR B 33 16.92 -1.85 -10.29
CA TYR B 33 17.04 -1.42 -11.68
C TYR B 33 18.46 -1.60 -12.23
N SER B 34 18.55 -2.17 -13.43
CA SER B 34 19.80 -2.34 -14.13
C SER B 34 19.99 -1.30 -15.24
N PRO B 35 20.92 -0.34 -15.04
CA PRO B 35 21.19 0.62 -16.11
C PRO B 35 21.76 -0.05 -17.36
N ALA B 36 22.60 -1.08 -17.19
CA ALA B 36 23.19 -1.73 -18.35
C ALA B 36 22.14 -2.37 -19.25
N LEU B 37 21.09 -2.92 -18.64
CA LEU B 37 20.04 -3.61 -19.39
C LEU B 37 18.82 -2.72 -19.64
N ASN B 38 18.83 -1.52 -19.09
CA ASN B 38 17.61 -0.70 -18.96
C ASN B 38 16.42 -1.53 -18.56
N LYS B 39 16.53 -2.24 -17.44
CA LYS B 39 15.55 -3.23 -17.05
C LYS B 39 15.33 -3.18 -15.54
N LEU B 40 14.07 -3.09 -15.16
CA LEU B 40 13.66 -3.13 -13.76
C LEU B 40 13.25 -4.57 -13.41
N PHE B 41 13.73 -5.07 -12.27
CA PHE B 41 13.39 -6.39 -11.75
C PHE B 41 12.64 -6.19 -10.45
N CYS B 42 11.48 -6.82 -10.29
CA CYS B 42 10.68 -6.58 -9.11
C CYS B 42 9.86 -7.79 -8.73
N GLN B 43 9.50 -7.84 -7.45
CA GLN B 43 8.61 -8.88 -6.97
C GLN B 43 7.16 -8.52 -7.24
N LEU B 44 6.31 -9.53 -7.19
CA LEU B 44 4.90 -9.38 -7.45
C LEU B 44 4.23 -8.43 -6.43
N ALA B 45 3.52 -7.43 -6.93
CA ALA B 45 2.70 -6.54 -6.11
C ALA B 45 3.50 -5.71 -5.09
N LYS B 46 4.79 -5.56 -5.34
CA LYS B 46 5.64 -4.77 -4.44
C LYS B 46 5.93 -3.40 -5.03
N THR B 47 6.28 -2.46 -4.16
CA THR B 47 6.57 -1.09 -4.55
C THR B 47 7.73 -0.96 -5.53
N CYS B 48 7.49 -0.31 -6.67
CA CYS B 48 8.53 -0.01 -7.64
C CYS B 48 8.62 1.51 -7.79
N PRO B 49 9.63 2.12 -7.16
CA PRO B 49 9.77 3.57 -7.30
C PRO B 49 10.33 3.96 -8.66
N VAL B 50 9.65 4.88 -9.33
CA VAL B 50 10.11 5.38 -10.63
C VAL B 50 10.15 6.91 -10.51
N GLN B 51 11.32 7.48 -10.74
CA GLN B 51 11.50 8.91 -10.65
C GLN B 51 11.17 9.61 -11.96
N LEU B 52 10.56 10.79 -11.84
CA LEU B 52 10.36 11.68 -12.98
C LEU B 52 11.28 12.90 -12.83
N TRP B 53 12.04 13.19 -13.87
CA TRP B 53 12.98 14.31 -13.91
C TRP B 53 12.64 15.23 -15.08
N VAL B 54 12.67 16.55 -14.84
CA VAL B 54 12.51 17.53 -15.92
C VAL B 54 13.55 18.63 -15.81
N ASP B 55 13.80 19.28 -16.95
CA ASP B 55 14.65 20.48 -16.98
C ASP B 55 13.85 21.74 -16.68
N SER B 56 12.56 21.72 -16.97
CA SER B 56 11.70 22.85 -16.67
C SER B 56 10.30 22.36 -16.28
N THR B 57 9.61 23.16 -15.49
CA THR B 57 8.31 22.79 -14.93
C THR B 57 7.23 22.73 -16.01
N PRO B 58 6.55 21.57 -16.13
CA PRO B 58 5.41 21.53 -17.03
C PRO B 58 4.17 22.16 -16.38
N PRO B 59 3.15 22.48 -17.19
CA PRO B 59 1.97 23.18 -16.67
C PRO B 59 1.17 22.36 -15.66
N PRO B 60 0.50 23.04 -14.72
CA PRO B 60 -0.47 22.35 -13.87
C PRO B 60 -1.48 21.62 -14.76
N GLY B 61 -1.80 20.36 -14.43
CA GLY B 61 -2.72 19.57 -15.24
C GLY B 61 -1.99 18.58 -16.12
N THR B 62 -0.67 18.71 -16.22
CA THR B 62 0.15 17.69 -16.87
C THR B 62 -0.06 16.37 -16.12
N ARG B 63 -0.05 15.25 -16.85
CA ARG B 63 -0.22 13.94 -16.23
C ARG B 63 0.88 13.00 -16.70
N VAL B 64 0.98 11.86 -16.02
CA VAL B 64 2.00 10.87 -16.32
C VAL B 64 1.32 9.51 -16.42
N ARG B 65 1.51 8.86 -17.57
CA ARG B 65 0.82 7.60 -17.90
C ARG B 65 1.82 6.46 -18.02
N ALA B 66 1.43 5.28 -17.53
CA ALA B 66 2.21 4.06 -17.68
C ALA B 66 1.42 3.01 -18.47
N MET B 67 2.09 2.37 -19.43
CA MET B 67 1.47 1.33 -20.25
C MET B 67 2.50 0.26 -20.53
N ALA B 68 2.10 -1.01 -20.50
CA ALA B 68 3.02 -2.09 -20.86
C ALA B 68 2.79 -2.54 -22.29
N ILE B 69 3.88 -2.89 -22.99
CA ILE B 69 3.79 -3.59 -24.28
C ILE B 69 4.78 -4.76 -24.29
N TYR B 70 4.51 -5.78 -25.10
CA TYR B 70 5.51 -6.82 -25.31
C TYR B 70 6.69 -6.32 -26.12
N LYS B 71 7.89 -6.74 -25.71
CA LYS B 71 9.14 -6.32 -26.34
C LYS B 71 9.36 -6.93 -27.72
N GLN B 72 9.08 -8.22 -27.84
CA GLN B 72 9.37 -8.98 -29.07
C GLN B 72 8.43 -8.66 -30.22
N SER B 73 9.00 -8.65 -31.43
CA SER B 73 8.26 -8.29 -32.65
C SER B 73 6.93 -9.03 -32.76
N GLN B 74 6.95 -10.34 -32.56
CA GLN B 74 5.78 -11.14 -32.85
C GLN B 74 4.70 -11.00 -31.78
N HIS B 75 5.03 -10.33 -30.69
CA HIS B 75 4.07 -10.18 -29.59
C HIS B 75 3.61 -8.74 -29.33
N MET B 76 4.27 -7.78 -29.95
CA MET B 76 3.99 -6.37 -29.63
CA MET B 76 3.99 -6.38 -29.61
C MET B 76 2.56 -5.92 -29.92
N THR B 77 1.88 -6.56 -30.88
CA THR B 77 0.50 -6.18 -31.17
C THR B 77 -0.55 -6.77 -30.21
N GLU B 78 -0.10 -7.63 -29.28
CA GLU B 78 -1.01 -8.24 -28.32
C GLU B 78 -1.08 -7.40 -27.05
N VAL B 79 -2.30 -7.16 -26.56
CA VAL B 79 -2.47 -6.40 -25.33
C VAL B 79 -1.83 -7.15 -24.17
N VAL B 80 -1.00 -6.45 -23.40
CA VAL B 80 -0.43 -7.01 -22.17
C VAL B 80 -1.48 -6.95 -21.06
N ARG B 81 -1.83 -8.10 -20.50
CA ARG B 81 -2.88 -8.13 -19.49
C ARG B 81 -2.52 -9.15 -18.42
N ARG B 82 -3.26 -9.16 -17.31
CA ARG B 82 -3.05 -10.16 -16.30
C ARG B 82 -3.54 -11.53 -16.77
N CYS B 83 -2.95 -12.57 -16.19
CA CYS B 83 -3.23 -13.95 -16.57
C CYS B 83 -4.60 -14.40 -16.09
N PRO B 84 -5.06 -15.55 -16.59
CA PRO B 84 -6.39 -16.05 -16.25
C PRO B 84 -6.57 -16.30 -14.77
N HIS B 85 -5.49 -16.59 -14.05
CA HIS B 85 -5.59 -16.75 -12.60
C HIS B 85 -5.72 -15.42 -11.87
N HIS B 86 -4.77 -14.51 -12.10
CA HIS B 86 -4.75 -13.25 -11.38
C HIS B 86 -5.92 -12.32 -11.69
N GLU B 87 -6.41 -12.32 -12.94
CA GLU B 87 -7.56 -11.47 -13.24
C GLU B 87 -8.80 -11.91 -12.47
N ARG B 88 -8.78 -13.14 -11.95
CA ARG B 88 -9.94 -13.69 -11.23
C ARG B 88 -9.73 -13.80 -9.71
N CYS B 89 -8.68 -13.20 -9.19
N CYS B 89 -8.68 -13.17 -9.21
CA CYS B 89 -8.39 -13.41 -7.77
CA CYS B 89 -8.29 -13.29 -7.80
C CYS B 89 -8.98 -12.35 -6.82
C CYS B 89 -9.04 -12.38 -6.83
N SER B 90 -9.83 -11.46 -7.35
CA SER B 90 -10.58 -10.52 -6.52
C SER B 90 -9.69 -9.64 -5.67
N ASP B 91 -8.63 -9.09 -6.26
CA ASP B 91 -7.67 -8.28 -5.51
C ASP B 91 -7.61 -6.83 -5.93
N SER B 92 -8.66 -6.31 -6.58
CA SER B 92 -8.67 -4.89 -6.96
C SER B 92 -8.65 -3.99 -5.72
N ASP B 93 -7.90 -2.90 -5.79
CA ASP B 93 -7.92 -1.93 -4.71
C ASP B 93 -9.18 -1.07 -4.74
N GLY B 94 -10.01 -1.28 -5.75
CA GLY B 94 -11.22 -0.50 -5.93
C GLY B 94 -11.12 0.51 -7.07
N LEU B 95 -9.89 0.79 -7.50
CA LEU B 95 -9.65 1.66 -8.64
C LEU B 95 -9.23 0.83 -9.86
N ALA B 96 -8.25 -0.04 -9.66
CA ALA B 96 -7.71 -0.81 -10.78
C ALA B 96 -8.60 -1.95 -11.24
N PRO B 97 -8.94 -1.97 -12.55
CA PRO B 97 -9.65 -3.17 -13.01
C PRO B 97 -8.78 -4.40 -12.78
N PRO B 98 -9.39 -5.55 -12.51
CA PRO B 98 -8.58 -6.73 -12.15
C PRO B 98 -7.74 -7.25 -13.31
N GLN B 99 -8.02 -6.80 -14.54
CA GLN B 99 -7.23 -7.24 -15.69
C GLN B 99 -5.93 -6.47 -15.84
N HIS B 100 -5.81 -5.32 -15.18
CA HIS B 100 -4.65 -4.44 -15.42
C HIS B 100 -3.37 -4.90 -14.75
N LEU B 101 -2.32 -5.05 -15.52
CA LEU B 101 -1.01 -5.42 -14.99
C LEU B 101 -0.40 -4.36 -14.07
N ILE B 102 -0.42 -3.11 -14.50
CA ILE B 102 0.24 -2.03 -13.78
C ILE B 102 -0.72 -1.23 -12.92
N ARG B 103 -0.42 -1.12 -11.63
CA ARG B 103 -1.17 -0.25 -10.74
C ARG B 103 -0.26 0.84 -10.19
N VAL B 104 -0.88 1.94 -9.76
CA VAL B 104 -0.16 2.93 -8.95
C VAL B 104 -0.55 2.73 -7.49
N GLU B 105 0.46 2.76 -6.62
CA GLU B 105 0.29 2.59 -5.18
C GLU B 105 0.23 3.96 -4.51
N GLY B 106 -0.74 4.15 -3.62
CA GLY B 106 -0.74 5.33 -2.77
C GLY B 106 -1.04 6.64 -3.46
N ASN B 107 -1.92 6.61 -4.45
CA ASN B 107 -2.35 7.83 -5.11
C ASN B 107 -3.84 7.75 -5.45
N LEU B 108 -4.65 8.45 -4.66
CA LEU B 108 -6.10 8.43 -4.84
C LEU B 108 -6.57 9.04 -6.15
N ARG B 109 -5.68 9.75 -6.85
CA ARG B 109 -6.05 10.37 -8.11
C ARG B 109 -5.66 9.55 -9.34
N ALA B 110 -5.20 8.31 -9.11
CA ALA B 110 -4.88 7.42 -10.21
C ALA B 110 -6.14 7.06 -10.98
N GLU B 111 -6.03 7.08 -12.30
CA GLU B 111 -7.14 6.70 -13.17
C GLU B 111 -6.67 5.59 -14.10
N TYR B 112 -7.57 4.66 -14.37
CA TYR B 112 -7.26 3.49 -15.18
C TYR B 112 -8.04 3.55 -16.48
N LEU B 113 -7.35 3.38 -17.60
CA LEU B 113 -7.98 3.47 -18.91
C LEU B 113 -7.97 2.12 -19.64
N ASP B 114 -9.15 1.72 -20.13
CA ASP B 114 -9.28 0.65 -21.10
C ASP B 114 -9.52 1.39 -22.43
N ASP B 115 -8.54 1.40 -23.32
CA ASP B 115 -8.68 2.16 -24.56
C ASP B 115 -9.80 1.58 -25.44
N ARG B 116 -10.73 2.43 -25.84
CA ARG B 116 -11.93 1.95 -26.55
C ARG B 116 -11.61 1.42 -27.96
N ASN B 117 -10.48 1.83 -28.51
CA ASN B 117 -10.08 1.40 -29.84
C ASN B 117 -9.03 0.29 -29.85
N THR B 118 -8.02 0.42 -29.00
CA THR B 118 -6.90 -0.52 -29.00
C THR B 118 -7.02 -1.58 -27.91
N PHE B 119 -7.92 -1.35 -26.95
CA PHE B 119 -8.11 -2.26 -25.83
C PHE B 119 -6.91 -2.34 -24.88
N ARG B 120 -5.92 -1.47 -25.07
CA ARG B 120 -4.78 -1.48 -24.18
C ARG B 120 -5.10 -0.81 -22.86
N HIS B 121 -4.38 -1.24 -21.82
CA HIS B 121 -4.58 -0.74 -20.47
C HIS B 121 -3.51 0.29 -20.13
N SER B 122 -3.90 1.27 -19.33
CA SER B 122 -2.89 2.19 -18.80
C SER B 122 -3.40 2.78 -17.49
N VAL B 123 -2.46 3.32 -16.72
CA VAL B 123 -2.78 4.00 -15.48
C VAL B 123 -2.11 5.37 -15.50
N VAL B 124 -2.85 6.40 -15.11
CA VAL B 124 -2.38 7.78 -15.26
C VAL B 124 -2.61 8.55 -13.95
N VAL B 125 -1.65 9.42 -13.59
CA VAL B 125 -1.77 10.26 -12.40
C VAL B 125 -1.36 11.67 -12.73
N PRO B 126 -1.79 12.63 -11.92
CA PRO B 126 -1.30 13.99 -12.14
C PRO B 126 0.20 14.09 -11.94
N CYS B 127 0.87 14.89 -12.76
CA CYS B 127 2.28 15.21 -12.55
C CYS B 127 2.37 16.31 -11.51
N GLU B 128 3.09 16.06 -10.43
CA GLU B 128 3.20 17.03 -9.33
C GLU B 128 4.64 17.44 -9.13
N PRO B 129 4.87 18.66 -8.65
CA PRO B 129 6.24 19.05 -8.33
C PRO B 129 6.81 18.23 -7.17
N PRO B 130 8.14 18.15 -7.08
CA PRO B 130 8.78 17.39 -5.99
C PRO B 130 8.42 17.93 -4.61
N GLU B 131 8.42 17.06 -3.61
CA GLU B 131 8.24 17.51 -2.24
C GLU B 131 9.38 18.48 -1.91
N VAL B 132 9.16 19.35 -0.94
CA VAL B 132 10.22 20.29 -0.55
C VAL B 132 11.47 19.52 -0.13
N GLY B 133 12.62 19.92 -0.66
CA GLY B 133 13.87 19.26 -0.36
C GLY B 133 14.21 18.12 -1.33
N SER B 134 13.32 17.86 -2.27
CA SER B 134 13.53 16.82 -3.27
CA SER B 134 13.55 16.82 -3.26
C SER B 134 13.80 17.43 -4.64
N ASP B 135 14.56 16.72 -5.48
CA ASP B 135 14.89 17.19 -6.82
C ASP B 135 14.07 16.53 -7.92
N CYS B 136 13.27 15.53 -7.56
CA CYS B 136 12.44 14.83 -8.55
C CYS B 136 11.16 14.32 -7.88
N THR B 137 10.20 13.91 -8.70
CA THR B 137 8.97 13.32 -8.21
C THR B 137 9.03 11.82 -8.42
N THR B 138 8.53 11.07 -7.44
CA THR B 138 8.54 9.61 -7.54
C THR B 138 7.13 9.06 -7.58
N ILE B 139 6.87 8.16 -8.53
CA ILE B 139 5.61 7.41 -8.59
C ILE B 139 5.91 6.00 -8.12
N HIS B 140 4.99 5.43 -7.35
CA HIS B 140 5.13 4.03 -6.92
C HIS B 140 4.22 3.13 -7.74
N TYR B 141 4.82 2.28 -8.56
CA TYR B 141 4.06 1.31 -9.36
C TYR B 141 4.06 -0.07 -8.71
N ASN B 142 3.02 -0.86 -8.98
CA ASN B 142 2.99 -2.28 -8.63
C ASN B 142 2.69 -3.07 -9.90
N TYR B 143 3.41 -4.16 -10.10
CA TYR B 143 3.13 -5.09 -11.20
C TYR B 143 2.43 -6.32 -10.66
N MET B 144 1.29 -6.67 -11.25
CA MET B 144 0.34 -7.60 -10.61
C MET B 144 0.30 -9.05 -11.16
N CYS B 145 1.27 -9.37 -12.00
CA CYS B 145 1.51 -10.75 -12.45
C CYS B 145 3.00 -10.95 -12.54
N TYR B 146 3.44 -12.20 -12.41
CA TYR B 146 4.82 -12.55 -12.73
C TYR B 146 5.03 -12.62 -14.23
N SER B 147 6.26 -12.36 -14.68
CA SER B 147 6.58 -12.52 -16.08
C SER B 147 6.24 -13.94 -16.55
N SER B 148 6.34 -14.90 -15.64
CA SER B 148 6.12 -16.31 -15.98
C SER B 148 4.66 -16.76 -15.94
N CYS B 149 3.74 -15.86 -15.57
CA CYS B 149 2.33 -16.24 -15.47
C CYS B 149 1.78 -16.78 -16.80
N MET B 150 1.40 -18.06 -16.80
CA MET B 150 0.91 -18.66 -18.03
C MET B 150 -0.47 -18.13 -18.38
N GLY B 151 -0.70 -17.84 -19.66
CA GLY B 151 -1.96 -17.27 -20.09
C GLY B 151 -1.96 -15.75 -20.02
N GLY B 152 -0.95 -15.20 -19.35
CA GLY B 152 -0.74 -13.76 -19.33
C GLY B 152 0.55 -13.46 -20.05
N MET B 153 1.53 -12.91 -19.34
CA MET B 153 2.80 -12.60 -20.00
C MET B 153 3.48 -13.84 -20.55
N ASN B 154 3.28 -15.00 -19.92
CA ASN B 154 3.62 -16.27 -20.54
C ASN B 154 5.13 -16.35 -20.82
N ARG B 155 5.92 -15.77 -19.92
CA ARG B 155 7.38 -15.74 -20.01
C ARG B 155 7.95 -14.75 -21.05
N ARG B 156 7.09 -13.92 -21.61
CA ARG B 156 7.50 -12.93 -22.61
C ARG B 156 7.93 -11.63 -21.96
N PRO B 157 9.08 -11.07 -22.38
CA PRO B 157 9.52 -9.79 -21.83
C PRO B 157 8.59 -8.64 -22.22
N ILE B 158 8.42 -7.70 -21.30
CA ILE B 158 7.64 -6.50 -21.55
C ILE B 158 8.46 -5.24 -21.35
N LEU B 159 7.95 -4.16 -21.94
CA LEU B 159 8.44 -2.82 -21.67
C LEU B 159 7.33 -2.04 -21.01
N THR B 160 7.70 -1.16 -20.09
CA THR B 160 6.79 -0.13 -19.61
C THR B 160 7.17 1.16 -20.32
N ILE B 161 6.17 1.80 -20.92
CA ILE B 161 6.31 3.10 -21.55
C ILE B 161 5.66 4.13 -20.61
N ILE B 162 6.46 5.13 -20.23
CA ILE B 162 5.98 6.24 -19.42
C ILE B 162 5.87 7.46 -20.30
N THR B 163 4.67 8.03 -20.38
CA THR B 163 4.44 9.23 -21.16
C THR B 163 4.04 10.40 -20.28
N LEU B 164 4.65 11.55 -20.56
CA LEU B 164 4.24 12.82 -19.97
C LEU B 164 3.23 13.41 -20.94
N GLU B 165 2.05 13.78 -20.44
CA GLU B 165 0.94 14.23 -21.28
C GLU B 165 0.38 15.54 -20.77
N ASP B 166 -0.19 16.34 -21.67
CA ASP B 166 -0.94 17.50 -21.22
C ASP B 166 -2.33 17.08 -20.74
N SER B 167 -3.15 18.03 -20.33
CA SER B 167 -4.44 17.69 -19.75
C SER B 167 -5.41 17.05 -20.77
N SER B 168 -5.14 17.22 -22.07
CA SER B 168 -5.92 16.59 -23.14
C SER B 168 -5.40 15.20 -23.50
N GLY B 169 -4.23 14.85 -22.98
CA GLY B 169 -3.61 13.57 -23.31
C GLY B 169 -2.62 13.64 -24.46
N ASN B 170 -2.29 14.85 -24.92
CA ASN B 170 -1.32 15.01 -25.99
C ASN B 170 0.08 14.74 -25.44
N LEU B 171 0.93 14.15 -26.27
CA LEU B 171 2.28 13.76 -25.85
C LEU B 171 3.19 14.95 -25.61
N LEU B 172 3.81 14.98 -24.43
CA LEU B 172 4.84 15.96 -24.11
C LEU B 172 6.21 15.33 -23.99
N GLY B 173 6.26 14.07 -23.59
CA GLY B 173 7.53 13.38 -23.36
C GLY B 173 7.32 11.87 -23.25
N ARG B 174 8.37 11.09 -23.50
CA ARG B 174 8.27 9.63 -23.48
C ARG B 174 9.59 9.01 -23.06
N ASP B 175 9.52 7.95 -22.27
CA ASP B 175 10.68 7.15 -21.89
C ASP B 175 10.16 5.74 -21.64
N SER B 176 11.06 4.79 -21.46
CA SER B 176 10.66 3.39 -21.29
C SER B 176 11.75 2.57 -20.66
N PHE B 177 11.36 1.42 -20.13
CA PHE B 177 12.27 0.47 -19.51
C PHE B 177 11.69 -0.93 -19.59
N GLU B 178 12.54 -1.94 -19.71
CA GLU B 178 12.08 -3.32 -19.68
C GLU B 178 11.73 -3.69 -18.23
N VAL B 179 10.84 -4.67 -18.05
CA VAL B 179 10.48 -5.14 -16.71
C VAL B 179 10.48 -6.64 -16.67
N ARG B 180 11.06 -7.19 -15.60
CA ARG B 180 10.85 -8.60 -15.27
C ARG B 180 10.25 -8.67 -13.86
N VAL B 181 9.08 -9.29 -13.75
CA VAL B 181 8.45 -9.49 -12.44
C VAL B 181 8.74 -10.91 -12.00
N CYS B 182 9.45 -11.06 -10.87
CA CYS B 182 10.01 -12.35 -10.51
C CYS B 182 10.20 -12.51 -9.01
N ALA B 183 10.46 -13.74 -8.56
CA ALA B 183 10.58 -14.00 -7.13
C ALA B 183 11.86 -13.44 -6.50
N CYS B 184 12.96 -13.45 -7.25
CA CYS B 184 14.24 -13.00 -6.72
C CYS B 184 14.91 -11.99 -7.65
N PRO B 185 14.46 -10.73 -7.59
CA PRO B 185 15.01 -9.70 -8.49
C PRO B 185 16.52 -9.49 -8.38
N GLY B 186 17.06 -9.55 -7.16
CA GLY B 186 18.48 -9.37 -6.97
C GLY B 186 19.29 -10.41 -7.73
N ARG B 187 18.90 -11.68 -7.57
CA ARG B 187 19.59 -12.76 -8.26
C ARG B 187 19.41 -12.66 -9.76
N ASP B 188 18.19 -12.40 -10.21
CA ASP B 188 17.95 -12.36 -11.65
C ASP B 188 18.69 -11.20 -12.30
N ARG B 189 18.77 -10.05 -11.63
CA ARG B 189 19.55 -8.93 -12.15
C ARG B 189 21.02 -9.31 -12.29
N ARG B 190 21.59 -9.92 -11.26
CA ARG B 190 22.99 -10.33 -11.32
C ARG B 190 23.22 -11.30 -12.46
N THR B 191 22.31 -12.27 -12.60
CA THR B 191 22.43 -13.26 -13.65
C THR B 191 22.42 -12.62 -15.03
N GLU B 192 21.42 -11.79 -15.31
CA GLU B 192 21.28 -11.20 -16.64
C GLU B 192 22.39 -10.21 -16.94
N GLU B 193 22.91 -9.53 -15.90
CA GLU B 193 24.04 -8.65 -16.08
C GLU B 193 25.30 -9.46 -16.35
N GLU B 194 25.41 -10.61 -15.70
CA GLU B 194 26.53 -11.52 -15.96
C GLU B 194 26.46 -11.98 -17.42
N ASN B 195 25.31 -12.49 -17.83
CA ASN B 195 25.10 -12.92 -19.21
C ASN B 195 25.49 -11.83 -20.19
N LEU B 196 25.24 -10.59 -19.82
CA LEU B 196 25.58 -9.46 -20.67
C LEU B 196 27.07 -9.39 -20.91
N ARG B 197 27.84 -9.29 -19.83
CA ARG B 197 29.30 -9.23 -19.94
C ARG B 197 29.90 -10.61 -20.19
C01 P51 C . -5.53 17.93 20.41
C04 P51 C . -6.90 18.11 20.03
C05 P51 C . -8.03 18.31 19.71
C06 P51 C . -9.41 18.54 19.24
O P51 C . -10.24 18.96 20.31
C07 P51 C . -10.12 20.25 20.77
C1 P51 C . -3.47 18.87 21.29
N1 P51 C . -1.28 20.04 21.57
O1 P51 C . -1.50 17.50 21.52
C02 P51 C . -4.90 16.69 20.27
C2 P51 C . -2.74 20.07 21.85
N2 P51 C . 2.69 21.53 20.73
C03 P51 C . -0.51 20.73 22.65
C3 P51 C . -4.81 19.02 20.92
C4 P51 C . -3.56 16.56 20.65
C7 P51 C . -2.81 17.63 21.16
C8 P51 C . 0.97 20.59 22.34
C10 P51 C . 1.19 21.36 21.04
C11 P51 C . 3.24 20.37 19.90
C12 P51 C . 4.58 20.81 19.32
C13 P51 C . 3.58 21.73 21.96
C14 P51 C . 3.41 23.08 22.63
C15 P51 C . 0.48 20.61 19.89
C16 P51 C . -0.99 20.61 20.20
I2 P51 C . -2.63 14.67 20.44
C08 P51 C . -10.86 20.52 21.92
C09 P51 C . -10.83 21.80 22.51
C17 P51 C . -10.05 22.80 21.95
C18 P51 C . -9.30 22.54 20.80
C P51 C . -9.33 21.27 20.21
ZN ZN D . -11.76 -15.53 17.20
C01 P51 E . 6.96 19.47 -11.88
C04 P51 E . 5.57 19.69 -12.19
C05 P51 E . 4.41 19.91 -12.46
C06 P51 E . 3.02 20.14 -12.84
O P51 E . 2.25 20.61 -11.72
C07 P51 E . 2.43 21.90 -11.31
C1 P51 E . 9.09 20.36 -11.16
N1 P51 E . 11.35 21.47 -11.06
O1 P51 E . 11.02 18.92 -10.97
C02 P51 E . 7.50 18.20 -12.01
C2 P51 E . 9.91 21.54 -10.69
N2 P51 E . 15.39 22.09 -12.25
C03 P51 E . 12.22 22.17 -10.05
C3 P51 E . 7.74 20.57 -11.46
C4 P51 E . 8.86 18.03 -11.70
C7 P51 E . 9.69 19.09 -11.27
C8 P51 E . 13.66 21.90 -10.42
C10 P51 E . 13.96 22.44 -11.81
C11 P51 E . 15.80 22.89 -13.49
C12 P51 E . 15.29 24.32 -13.35
C13 P51 E . 16.45 22.19 -11.17
C14 P51 E . 17.85 21.95 -11.71
C15 P51 E . 13.03 21.80 -12.85
C16 P51 E . 11.58 22.02 -12.43
I2 P51 E . 9.75 16.11 -11.86
C08 P51 E . 1.75 22.22 -10.13
C09 P51 E . 1.84 23.50 -9.59
C17 P51 E . 2.60 24.47 -10.24
C18 P51 E . 3.26 24.17 -11.43
C P51 E . 3.17 22.88 -11.97
ZN ZN F . -0.65 -13.80 -13.14
#